data_1LO5
#
_entry.id   1LO5
#
_cell.length_a   52.008
_cell.length_b   75.792
_cell.length_c   198.082
_cell.angle_alpha   90.00
_cell.angle_beta   90.00
_cell.angle_gamma   90.00
#
_symmetry.space_group_name_H-M   'P 21 21 21'
#
loop_
_entity.id
_entity.type
_entity.pdbx_description
1 polymer 'HLA class II histocompatibility antigen, DR alpha chain'
2 polymer 'HLA class II histocompatibility antigen, DR-1 beta chain'
3 polymer 'Hemagglutinin peptide'
4 polymer 'enterotoxin A'
5 water water
#
loop_
_entity_poly.entity_id
_entity_poly.type
_entity_poly.pdbx_seq_one_letter_code
_entity_poly.pdbx_strand_id
1 'polypeptide(L)'
;IKEEHVIIQAEFYLNPDQSGEFMFDFDGDEIFHVDMAKKETVWRLEEFGRFASFEAQGALANIAVDKANLEIMTKRSNYT
PITNVPPEVTVLTNSPVELREPNVLICFIDKFTPPVVNVTWLRNGKPVTTGVSETVFLPREDHLFRKFHYLPFLPSTEDV
YDCRVEHWGLDEPLLKHWEFDA
;
A
2 'polypeptide(L)'
;GDTRPRFLWQLKFECHFFNGTERVRLLERCIYNQEESVRFDSDVGEYRAVTELGRPDAEYWNSQKDLLEQRRAAVDTYCR
HNYGVGESFTVQRRVEPKVTVYPSKTQPLQHHNLLVCSVSGFYPGSIEVRWFRNGQEEKAGVVSTGLIQNGDWTFQTLVM
LETVPRSGEVYTCQVEHPSVTSPLTVEWRA
;
B
3 'polypeptide(L)' PKYVKQNTLKLAT C
4 'polypeptide(L)'
;SEKSEEINEKDLRKKSELQGTALGNLKQIYYYNEKAKTENKESHDQFLQHTILFKGFFTDHSWYNDLLVDFDSKDIVDKY
KGKKVDLYGAYYGYQCAGGTPNKTACMYGGVTLHDNNRLTEEKKVPINLWLDGKQNTVPLETVKTNKKNVTVQELDLQAR
RYLQEKYNLYNSDVFDGKVQRGLIVFHTSTEPSVNYDLFGAQGQYSNTLLRIYRDNKTINSENMHIAIYLYTS
;
D
#
# COMPACT_ATOMS: atom_id res chain seq x y z
N GLU A 4 -0.57 18.08 -22.18
CA GLU A 4 0.87 18.05 -21.80
C GLU A 4 1.13 17.16 -20.57
N HIS A 5 0.33 17.32 -19.51
CA HIS A 5 0.51 16.50 -18.31
C HIS A 5 -0.82 16.08 -17.72
N VAL A 6 -0.83 14.95 -17.03
CA VAL A 6 -2.03 14.39 -16.46
C VAL A 6 -1.79 13.68 -15.15
N ILE A 7 -2.50 14.07 -14.11
CA ILE A 7 -2.34 13.40 -12.83
C ILE A 7 -3.56 12.50 -12.72
N ILE A 8 -3.42 11.35 -12.07
CA ILE A 8 -4.56 10.44 -11.90
C ILE A 8 -4.71 9.90 -10.50
N GLN A 9 -5.82 10.22 -9.86
CA GLN A 9 -6.08 9.68 -8.54
C GLN A 9 -6.95 8.49 -8.97
N ALA A 10 -6.31 7.33 -9.04
CA ALA A 10 -6.94 6.10 -9.43
C ALA A 10 -6.92 5.19 -8.23
N GLU A 11 -7.98 4.42 -8.08
CA GLU A 11 -8.09 3.51 -6.95
C GLU A 11 -9.05 2.41 -7.26
N PHE A 12 -9.02 1.34 -6.47
CA PHE A 12 -9.94 0.24 -6.72
C PHE A 12 -10.19 -0.67 -5.54
N TYR A 13 -11.30 -1.41 -5.62
CA TYR A 13 -11.68 -2.40 -4.62
C TYR A 13 -12.16 -3.56 -5.44
N LEU A 14 -11.71 -4.75 -5.06
CA LEU A 14 -12.06 -5.98 -5.76
C LEU A 14 -12.64 -7.06 -4.86
N ASN A 15 -13.73 -7.68 -5.30
CA ASN A 15 -14.35 -8.76 -4.55
C ASN A 15 -14.25 -9.98 -5.46
N PRO A 16 -14.14 -11.19 -4.89
CA PRO A 16 -14.14 -11.56 -3.46
C PRO A 16 -12.79 -11.36 -2.79
N ASP A 17 -11.80 -10.92 -3.55
CA ASP A 17 -10.45 -10.72 -3.02
C ASP A 17 -10.43 -9.78 -1.83
N GLN A 18 -11.49 -8.96 -1.72
CA GLN A 18 -11.63 -7.97 -0.65
C GLN A 18 -10.38 -7.15 -0.52
N SER A 19 -9.71 -6.95 -1.65
CA SER A 19 -8.47 -6.18 -1.74
C SER A 19 -8.74 -4.88 -2.49
N GLY A 20 -7.99 -3.85 -2.17
CA GLY A 20 -8.21 -2.58 -2.83
C GLY A 20 -6.92 -1.81 -2.87
N GLU A 21 -6.86 -0.70 -3.59
CA GLU A 21 -5.65 0.07 -3.67
C GLU A 21 -5.89 1.53 -3.96
N PHE A 22 -4.93 2.37 -3.61
CA PHE A 22 -5.05 3.82 -3.81
C PHE A 22 -3.69 4.42 -4.15
N MET A 23 -3.55 4.97 -5.34
CA MET A 23 -2.28 5.55 -5.67
C MET A 23 -2.50 6.68 -6.62
N PHE A 24 -1.48 7.55 -6.72
CA PHE A 24 -1.48 8.71 -7.62
C PHE A 24 -0.60 8.47 -8.82
N ASP A 25 -0.92 9.09 -9.94
CA ASP A 25 -0.12 8.88 -11.16
C ASP A 25 0.20 10.13 -11.98
N PHE A 26 1.47 10.27 -12.35
CA PHE A 26 1.88 11.42 -13.16
C PHE A 26 2.36 10.95 -14.52
N ASP A 27 1.50 11.07 -15.52
CA ASP A 27 1.82 10.68 -16.88
C ASP A 27 2.24 9.21 -17.04
N GLY A 28 1.63 8.33 -16.24
CA GLY A 28 1.95 6.92 -16.33
C GLY A 28 2.93 6.39 -15.29
N ASP A 29 3.55 7.28 -14.53
CA ASP A 29 4.52 6.88 -13.51
C ASP A 29 3.92 7.05 -12.13
N GLU A 30 3.83 5.95 -11.38
CA GLU A 30 3.28 6.01 -10.04
C GLU A 30 4.04 7.12 -9.31
N ILE A 31 3.31 8.00 -8.64
CA ILE A 31 3.95 9.06 -7.88
C ILE A 31 4.03 8.49 -6.49
N PHE A 32 2.90 7.98 -6.02
CA PHE A 32 2.85 7.38 -4.69
C PHE A 32 1.58 6.58 -4.47
N HIS A 33 1.62 5.63 -3.52
CA HIS A 33 0.41 4.87 -3.19
C HIS A 33 0.34 4.68 -1.69
N VAL A 34 -0.84 4.36 -1.17
CA VAL A 34 -0.97 4.12 0.27
C VAL A 34 -0.87 2.62 0.58
N ASP A 35 -0.08 2.29 1.60
CA ASP A 35 0.05 0.90 2.01
C ASP A 35 -1.10 0.69 2.97
N MET A 36 -2.23 0.27 2.41
CA MET A 36 -3.45 0.03 3.19
C MET A 36 -3.21 -0.52 4.59
N ALA A 37 -2.44 -1.60 4.67
CA ALA A 37 -2.16 -2.25 5.93
C ALA A 37 -1.34 -1.43 6.90
N LYS A 38 -0.17 -0.95 6.47
CA LYS A 38 0.67 -0.17 7.35
C LYS A 38 0.10 1.23 7.54
N LYS A 39 -0.90 1.54 6.73
CA LYS A 39 -1.57 2.85 6.77
C LYS A 39 -0.56 3.99 6.67
N GLU A 40 0.28 3.90 5.63
CA GLU A 40 1.31 4.90 5.37
C GLU A 40 1.49 5.12 3.87
N THR A 41 1.72 6.37 3.48
CA THR A 41 1.92 6.71 2.08
C THR A 41 3.31 6.27 1.63
N VAL A 42 3.38 5.55 0.50
CA VAL A 42 4.66 5.06 0.00
C VAL A 42 5.07 5.68 -1.30
N TRP A 43 6.02 6.62 -1.20
CA TRP A 43 6.55 7.33 -2.34
C TRP A 43 7.35 6.41 -3.25
N ARG A 44 7.09 6.49 -4.55
CA ARG A 44 7.81 5.67 -5.51
C ARG A 44 9.31 5.77 -5.32
N LEU A 45 9.82 6.97 -5.56
CA LEU A 45 11.23 7.30 -5.38
C LEU A 45 11.32 8.04 -4.05
N GLU A 46 12.07 7.46 -3.12
CA GLU A 46 12.25 8.02 -1.78
C GLU A 46 12.35 9.55 -1.81
N GLU A 47 12.93 10.08 -2.89
CA GLU A 47 13.11 11.53 -3.07
C GLU A 47 11.82 12.33 -2.90
N PHE A 48 10.77 11.89 -3.58
CA PHE A 48 9.48 12.57 -3.55
C PHE A 48 8.99 12.96 -2.17
N GLY A 49 9.38 12.19 -1.16
CA GLY A 49 8.95 12.45 0.21
C GLY A 49 9.64 13.58 0.95
N ARG A 50 10.91 13.84 0.63
CA ARG A 50 11.63 14.91 1.29
C ARG A 50 11.03 16.25 0.84
N PHE A 51 10.08 16.19 -0.09
CA PHE A 51 9.39 17.36 -0.64
C PHE A 51 7.90 17.54 -0.30
N ALA A 52 7.04 16.61 -0.71
CA ALA A 52 5.60 16.72 -0.44
C ALA A 52 5.11 15.76 0.63
N SER A 53 3.81 15.44 0.59
CA SER A 53 3.23 14.57 1.61
C SER A 53 1.88 14.01 1.19
N PHE A 54 1.26 13.25 2.11
CA PHE A 54 -0.07 12.66 1.90
C PHE A 54 -0.63 11.87 3.08
N GLU A 55 -1.67 12.43 3.69
CA GLU A 55 -2.36 11.84 4.83
C GLU A 55 -2.94 10.49 4.48
N ALA A 56 -2.11 9.45 4.52
CA ALA A 56 -2.53 8.07 4.20
C ALA A 56 -3.92 7.75 4.72
N GLN A 57 -4.23 8.29 5.88
CA GLN A 57 -5.52 8.05 6.52
C GLN A 57 -6.67 8.30 5.58
N GLY A 58 -6.48 9.24 4.65
CA GLY A 58 -7.52 9.61 3.72
C GLY A 58 -7.92 8.54 2.73
N ALA A 59 -6.92 7.85 2.19
CA ALA A 59 -7.14 6.78 1.21
C ALA A 59 -7.90 5.64 1.83
N LEU A 60 -7.52 5.35 3.05
CA LEU A 60 -8.14 4.28 3.80
C LEU A 60 -9.66 4.48 3.84
N ALA A 61 -10.11 5.72 3.96
CA ALA A 61 -11.52 6.03 4.04
C ALA A 61 -12.22 6.04 2.68
N ASN A 62 -11.54 6.52 1.66
CA ASN A 62 -12.10 6.57 0.31
C ASN A 62 -12.48 5.16 -0.07
N ILE A 63 -11.54 4.25 0.14
CA ILE A 63 -11.72 2.84 -0.19
C ILE A 63 -12.87 2.20 0.54
N ALA A 64 -13.14 2.64 1.76
CA ALA A 64 -14.23 2.09 2.55
C ALA A 64 -15.50 2.29 1.75
N VAL A 65 -15.59 3.47 1.12
CA VAL A 65 -16.73 3.78 0.29
C VAL A 65 -16.73 2.96 -0.99
N ASP A 66 -15.56 2.83 -1.62
CA ASP A 66 -15.46 2.03 -2.84
C ASP A 66 -16.02 0.65 -2.58
N LYS A 67 -15.51 0.02 -1.53
CA LYS A 67 -16.00 -1.28 -1.18
C LYS A 67 -17.54 -1.14 -1.25
N ALA A 68 -18.04 -0.16 -0.53
CA ALA A 68 -19.47 0.11 -0.45
C ALA A 68 -20.12 0.28 -1.80
N ASN A 69 -19.46 0.97 -2.72
CA ASN A 69 -20.06 1.17 -4.04
C ASN A 69 -20.07 -0.12 -4.86
N LEU A 70 -19.07 -0.97 -4.67
CA LEU A 70 -19.01 -2.22 -5.40
C LEU A 70 -20.19 -3.09 -5.01
N GLU A 71 -20.41 -3.23 -3.72
CA GLU A 71 -21.53 -4.02 -3.25
C GLU A 71 -22.77 -3.53 -4.00
N ILE A 72 -23.07 -2.24 -3.91
CA ILE A 72 -24.24 -1.73 -4.60
C ILE A 72 -24.25 -2.20 -6.07
N MET A 73 -23.35 -1.62 -6.87
CA MET A 73 -23.26 -1.94 -8.28
C MET A 73 -23.33 -3.40 -8.60
N THR A 74 -22.62 -4.23 -7.84
CA THR A 74 -22.64 -5.68 -8.09
C THR A 74 -24.06 -6.15 -8.01
N LYS A 75 -24.77 -5.65 -7.01
CA LYS A 75 -26.13 -6.05 -6.90
C LYS A 75 -26.92 -5.47 -8.08
N ARG A 76 -26.99 -4.15 -8.23
CA ARG A 76 -27.80 -3.60 -9.33
C ARG A 76 -27.47 -4.19 -10.70
N SER A 77 -26.21 -4.57 -10.92
CA SER A 77 -25.80 -5.14 -12.20
C SER A 77 -26.28 -6.57 -12.26
N ASN A 78 -27.00 -6.97 -11.23
CA ASN A 78 -27.51 -8.31 -11.09
C ASN A 78 -26.39 -9.34 -11.13
N TYR A 79 -25.46 -9.15 -10.21
CA TYR A 79 -24.30 -10.00 -10.02
C TYR A 79 -23.56 -10.45 -11.24
N THR A 80 -23.49 -9.63 -12.27
CA THR A 80 -22.71 -10.01 -13.45
C THR A 80 -21.23 -9.81 -13.06
N PRO A 81 -20.39 -10.82 -13.30
CA PRO A 81 -18.97 -10.73 -12.96
C PRO A 81 -17.97 -10.21 -14.03
N ILE A 82 -16.77 -9.82 -13.61
CA ILE A 82 -15.77 -9.32 -14.56
C ILE A 82 -15.34 -10.42 -15.51
N THR A 83 -15.10 -10.05 -16.77
CA THR A 83 -14.63 -11.03 -17.75
C THR A 83 -13.10 -11.02 -17.73
N ASN A 84 -12.51 -12.19 -17.47
CA ASN A 84 -11.05 -12.33 -17.41
C ASN A 84 -10.39 -11.76 -18.65
N VAL A 85 -9.24 -11.13 -18.49
CA VAL A 85 -8.50 -10.59 -19.61
C VAL A 85 -7.03 -10.83 -19.36
N PRO A 86 -6.43 -11.82 -20.05
CA PRO A 86 -5.03 -12.23 -19.96
C PRO A 86 -4.11 -11.08 -20.26
N PRO A 87 -3.03 -10.93 -19.47
CA PRO A 87 -2.03 -9.87 -19.61
C PRO A 87 -1.05 -10.16 -20.72
N GLU A 88 -0.06 -9.30 -20.85
CA GLU A 88 0.99 -9.46 -21.83
C GLU A 88 2.29 -9.21 -21.08
N VAL A 89 3.12 -10.21 -20.98
CA VAL A 89 4.38 -10.02 -20.29
C VAL A 89 5.46 -9.73 -21.31
N THR A 90 6.48 -8.97 -20.92
CA THR A 90 7.55 -8.66 -21.85
C THR A 90 8.84 -8.39 -21.10
N VAL A 91 9.58 -9.45 -20.76
CA VAL A 91 10.83 -9.27 -20.03
C VAL A 91 11.71 -8.28 -20.74
N LEU A 92 12.42 -7.47 -19.96
CA LEU A 92 13.29 -6.44 -20.50
C LEU A 92 14.45 -6.16 -19.54
N THR A 93 15.33 -5.26 -19.94
CA THR A 93 16.47 -4.93 -19.09
C THR A 93 16.57 -3.43 -18.91
N ASN A 94 17.30 -3.04 -17.87
CA ASN A 94 17.50 -1.64 -17.56
C ASN A 94 18.36 -0.96 -18.61
N SER A 95 19.42 -1.65 -19.05
CA SER A 95 20.35 -1.11 -20.04
C SER A 95 21.13 -2.22 -20.72
N PRO A 96 21.55 -2.01 -22.00
CA PRO A 96 22.32 -3.03 -22.73
C PRO A 96 23.30 -3.83 -21.85
N VAL A 97 22.90 -5.05 -21.54
CA VAL A 97 23.70 -5.94 -20.70
C VAL A 97 25.18 -5.97 -21.04
N GLU A 98 26.01 -5.78 -20.01
CA GLU A 98 27.45 -5.81 -20.17
C GLU A 98 27.97 -6.87 -19.22
N LEU A 99 28.62 -7.88 -19.77
CA LEU A 99 29.16 -8.98 -18.98
C LEU A 99 29.87 -8.40 -17.75
N ARG A 100 29.70 -9.06 -16.61
CA ARG A 100 30.35 -8.61 -15.39
C ARG A 100 30.05 -7.14 -15.12
N GLU A 101 28.95 -6.65 -15.67
CA GLU A 101 28.54 -5.27 -15.46
C GLU A 101 27.08 -5.34 -15.02
N PRO A 102 26.78 -4.94 -13.77
CA PRO A 102 25.40 -4.98 -13.24
C PRO A 102 24.34 -4.58 -14.25
N ASN A 103 23.11 -5.03 -13.99
CA ASN A 103 21.95 -4.76 -14.83
C ASN A 103 20.73 -5.00 -13.94
N VAL A 104 19.56 -5.12 -14.54
CA VAL A 104 18.32 -5.39 -13.81
C VAL A 104 17.24 -5.86 -14.78
N LEU A 105 16.72 -7.06 -14.53
CA LEU A 105 15.69 -7.65 -15.38
C LEU A 105 14.28 -7.23 -15.01
N ILE A 106 13.63 -6.54 -15.94
CA ILE A 106 12.27 -6.06 -15.75
C ILE A 106 11.25 -7.05 -16.27
N CYS A 107 10.13 -7.14 -15.58
CA CYS A 107 9.06 -8.00 -16.05
C CYS A 107 7.82 -7.14 -16.12
N PHE A 108 7.57 -6.60 -17.31
CA PHE A 108 6.44 -5.73 -17.55
C PHE A 108 5.12 -6.46 -17.88
N ILE A 109 4.27 -6.63 -16.86
CA ILE A 109 2.98 -7.29 -17.06
C ILE A 109 2.03 -6.20 -17.57
N ASP A 110 1.31 -6.45 -18.64
CA ASP A 110 0.45 -5.38 -19.15
C ASP A 110 -0.88 -5.80 -19.77
N LYS A 111 -1.72 -4.80 -20.02
CA LYS A 111 -3.03 -4.99 -20.59
C LYS A 111 -3.84 -6.13 -19.94
N PHE A 112 -3.92 -6.15 -18.60
CA PHE A 112 -4.67 -7.21 -17.91
C PHE A 112 -5.65 -6.77 -16.82
N THR A 113 -6.65 -7.61 -16.58
CA THR A 113 -7.68 -7.38 -15.55
C THR A 113 -8.37 -8.71 -15.33
N PRO A 114 -8.90 -8.97 -14.12
CA PRO A 114 -8.91 -8.13 -12.91
C PRO A 114 -7.53 -7.94 -12.30
N PRO A 115 -7.42 -7.08 -11.28
CA PRO A 115 -6.11 -6.84 -10.65
C PRO A 115 -5.67 -7.90 -9.64
N VAL A 116 -5.19 -9.00 -10.19
CA VAL A 116 -4.70 -10.13 -9.42
C VAL A 116 -3.81 -10.94 -10.34
N VAL A 117 -2.51 -10.89 -10.12
CA VAL A 117 -1.58 -11.62 -10.95
C VAL A 117 -0.37 -12.07 -10.16
N ASN A 118 0.02 -13.34 -10.30
CA ASN A 118 1.21 -13.86 -9.62
C ASN A 118 2.46 -13.81 -10.51
N VAL A 119 3.56 -13.38 -9.93
CA VAL A 119 4.80 -13.29 -10.68
C VAL A 119 5.90 -13.94 -9.85
N THR A 120 6.80 -14.66 -10.51
CA THR A 120 7.90 -15.31 -9.79
C THR A 120 9.15 -15.35 -10.65
N TRP A 121 10.30 -15.06 -10.04
CA TRP A 121 11.57 -15.03 -10.76
C TRP A 121 12.42 -16.30 -10.66
N LEU A 122 12.69 -16.87 -11.82
CA LEU A 122 13.48 -18.09 -11.95
C LEU A 122 14.88 -17.89 -12.52
N ARG A 123 15.89 -18.35 -11.77
CA ARG A 123 17.28 -18.29 -12.22
C ARG A 123 17.73 -19.73 -12.43
N ASN A 124 17.72 -20.19 -13.67
CA ASN A 124 18.10 -21.56 -13.98
C ASN A 124 17.05 -22.50 -13.38
N GLY A 125 15.78 -22.13 -13.55
CA GLY A 125 14.68 -22.93 -13.02
C GLY A 125 14.29 -22.60 -11.60
N LYS A 126 15.28 -22.27 -10.78
CA LYS A 126 15.06 -21.96 -9.37
C LYS A 126 14.48 -20.55 -9.04
N PRO A 127 13.79 -20.43 -7.89
CA PRO A 127 13.16 -19.21 -7.37
C PRO A 127 14.19 -18.20 -6.84
N VAL A 128 13.77 -16.95 -6.62
CA VAL A 128 14.69 -15.92 -6.13
C VAL A 128 14.08 -14.83 -5.21
N THR A 129 14.95 -14.14 -4.48
CA THR A 129 14.58 -13.07 -3.53
C THR A 129 15.77 -12.09 -3.52
N THR A 130 16.50 -12.02 -4.62
CA THR A 130 17.66 -11.14 -4.70
C THR A 130 17.31 -9.68 -4.95
N GLY A 131 16.68 -9.05 -3.95
CA GLY A 131 16.30 -7.65 -4.09
C GLY A 131 15.22 -7.49 -5.13
N VAL A 132 14.13 -8.23 -4.94
CA VAL A 132 13.00 -8.20 -5.86
C VAL A 132 11.86 -7.41 -5.25
N SER A 133 11.37 -6.44 -6.00
CA SER A 133 10.28 -5.58 -5.56
C SER A 133 9.34 -5.42 -6.74
N GLU A 134 8.15 -4.89 -6.49
CA GLU A 134 7.19 -4.71 -7.56
C GLU A 134 6.49 -3.36 -7.51
N THR A 135 5.48 -3.18 -8.36
CA THR A 135 4.75 -1.92 -8.39
C THR A 135 3.26 -2.22 -8.32
N VAL A 136 2.52 -1.43 -7.54
CA VAL A 136 1.08 -1.64 -7.41
C VAL A 136 0.50 -1.61 -8.83
N PHE A 137 -0.78 -1.93 -8.96
CA PHE A 137 -1.41 -1.94 -10.28
C PHE A 137 -1.60 -0.56 -10.89
N LEU A 138 -0.87 -0.28 -11.97
CA LEU A 138 -0.95 1.01 -12.64
C LEU A 138 -2.11 1.11 -13.63
N PRO A 139 -2.72 2.29 -13.75
CA PRO A 139 -3.84 2.45 -14.67
C PRO A 139 -3.47 2.73 -16.14
N ARG A 140 -4.39 2.39 -17.03
CA ARG A 140 -4.25 2.56 -18.47
C ARG A 140 -5.51 3.24 -18.96
N GLU A 141 -5.52 3.80 -20.17
CA GLU A 141 -6.71 4.48 -20.68
C GLU A 141 -7.91 3.58 -20.95
N ASP A 142 -7.68 2.28 -21.11
CA ASP A 142 -8.78 1.37 -21.36
C ASP A 142 -9.25 0.68 -20.10
N HIS A 143 -8.71 1.13 -18.98
CA HIS A 143 -9.09 0.62 -17.65
C HIS A 143 -8.62 -0.76 -17.22
N LEU A 144 -7.71 -1.33 -17.99
CA LEU A 144 -7.11 -2.60 -17.64
C LEU A 144 -5.96 -2.15 -16.76
N PHE A 145 -4.98 -3.02 -16.52
CA PHE A 145 -3.87 -2.64 -15.68
C PHE A 145 -2.55 -3.00 -16.30
N ARG A 146 -1.53 -2.26 -15.90
CA ARG A 146 -0.15 -2.37 -16.33
C ARG A 146 0.69 -2.52 -15.05
N LYS A 147 1.47 -3.60 -14.93
CA LYS A 147 2.29 -3.82 -13.72
C LYS A 147 3.81 -3.97 -13.98
N PHE A 148 4.60 -3.93 -12.91
CA PHE A 148 6.06 -4.07 -13.03
C PHE A 148 6.63 -5.03 -12.00
N HIS A 149 7.83 -5.52 -12.28
CA HIS A 149 8.58 -6.43 -11.41
C HIS A 149 10.04 -6.30 -11.79
N TYR A 150 10.90 -6.02 -10.83
CA TYR A 150 12.31 -5.85 -11.14
C TYR A 150 13.12 -6.86 -10.35
N LEU A 151 14.19 -7.35 -10.97
CA LEU A 151 15.11 -8.30 -10.35
C LEU A 151 16.51 -7.86 -10.75
N PRO A 152 17.36 -7.49 -9.79
CA PRO A 152 18.72 -7.07 -10.11
C PRO A 152 19.60 -8.28 -10.37
N PHE A 153 20.67 -8.11 -11.13
CA PHE A 153 21.54 -9.23 -11.42
C PHE A 153 22.83 -8.83 -12.15
N LEU A 154 23.91 -9.55 -11.85
CA LEU A 154 25.20 -9.31 -12.50
C LEU A 154 25.24 -10.34 -13.63
N PRO A 155 25.19 -9.86 -14.88
CA PRO A 155 25.22 -10.68 -16.11
C PRO A 155 26.15 -11.88 -16.10
N SER A 156 25.98 -12.74 -17.10
CA SER A 156 26.79 -13.95 -17.23
C SER A 156 26.39 -14.71 -18.49
N THR A 157 26.97 -15.89 -18.63
CA THR A 157 26.68 -16.82 -19.71
C THR A 157 26.45 -18.09 -18.89
N GLU A 158 26.83 -17.98 -17.62
CA GLU A 158 26.68 -19.04 -16.64
C GLU A 158 25.27 -19.02 -16.06
N ASP A 159 24.39 -18.21 -16.64
CA ASP A 159 23.01 -18.10 -16.17
C ASP A 159 21.96 -17.82 -17.25
N VAL A 160 20.73 -18.25 -16.95
CA VAL A 160 19.56 -18.07 -17.81
C VAL A 160 18.40 -17.68 -16.91
N TYR A 161 17.74 -16.56 -17.20
CA TYR A 161 16.64 -16.12 -16.35
C TYR A 161 15.25 -16.25 -16.96
N ASP A 162 14.22 -16.14 -16.13
CA ASP A 162 12.84 -16.28 -16.58
C ASP A 162 11.77 -15.56 -15.74
N CYS A 163 10.80 -14.92 -16.40
CA CYS A 163 9.72 -14.27 -15.66
C CYS A 163 8.45 -15.16 -15.65
N ARG A 164 8.10 -15.64 -14.47
CA ARG A 164 6.94 -16.51 -14.28
C ARG A 164 5.70 -15.69 -13.91
N VAL A 165 4.73 -15.65 -14.81
CA VAL A 165 3.52 -14.88 -14.60
C VAL A 165 2.20 -15.65 -14.65
N GLU A 166 1.57 -15.82 -13.50
CA GLU A 166 0.30 -16.53 -13.40
C GLU A 166 -0.89 -15.58 -13.30
N HIS A 167 -1.87 -15.70 -14.20
CA HIS A 167 -3.07 -14.86 -14.18
C HIS A 167 -4.28 -15.76 -14.44
N TRP A 168 -5.51 -15.25 -14.26
CA TRP A 168 -6.71 -16.08 -14.50
C TRP A 168 -7.24 -16.06 -15.94
N GLY A 169 -6.55 -15.37 -16.84
CA GLY A 169 -7.00 -15.34 -18.22
C GLY A 169 -6.15 -16.31 -19.01
N LEU A 170 -5.04 -16.69 -18.41
CA LEU A 170 -4.10 -17.62 -19.01
C LEU A 170 -4.55 -19.08 -18.79
N ASP A 171 -4.33 -19.94 -19.79
CA ASP A 171 -4.71 -21.35 -19.69
C ASP A 171 -3.59 -22.15 -19.04
N GLU A 172 -2.43 -21.50 -18.93
CA GLU A 172 -1.23 -22.09 -18.34
C GLU A 172 -0.29 -20.94 -17.99
N PRO A 173 0.46 -21.09 -16.89
CA PRO A 173 1.39 -20.05 -16.47
C PRO A 173 2.08 -19.44 -17.67
N LEU A 174 2.64 -18.25 -17.53
CA LEU A 174 3.33 -17.63 -18.64
C LEU A 174 4.82 -17.50 -18.32
N LEU A 175 5.63 -18.15 -19.14
CA LEU A 175 7.07 -18.12 -18.98
C LEU A 175 7.69 -17.15 -19.97
N LYS A 176 8.71 -16.43 -19.52
CA LYS A 176 9.42 -15.49 -20.36
C LYS A 176 10.89 -15.65 -20.02
N HIS A 177 11.64 -16.17 -20.97
CA HIS A 177 13.06 -16.39 -20.77
C HIS A 177 13.87 -15.22 -21.28
N TRP A 178 14.99 -14.97 -20.62
CA TRP A 178 15.91 -13.92 -21.00
C TRP A 178 17.30 -14.50 -20.80
N GLU A 179 18.17 -14.32 -21.79
CA GLU A 179 19.54 -14.82 -21.73
C GLU A 179 20.46 -13.99 -22.60
N PHE A 180 21.64 -13.67 -22.07
CA PHE A 180 22.63 -12.88 -22.81
C PHE A 180 23.13 -13.61 -24.06
N ASP A 181 23.06 -12.93 -25.21
CA ASP A 181 23.49 -13.51 -26.48
C ASP A 181 24.86 -13.00 -26.91
N ALA A 182 25.72 -13.91 -27.37
CA ALA A 182 27.05 -13.56 -27.82
C ALA A 182 27.31 -14.17 -29.20
N THR B 3 -11.51 -20.77 -10.60
CA THR B 3 -11.81 -20.25 -9.25
C THR B 3 -13.05 -19.35 -9.40
N ARG B 4 -13.50 -18.79 -8.28
CA ARG B 4 -14.68 -17.93 -8.21
C ARG B 4 -14.72 -16.73 -9.16
N PRO B 5 -15.87 -16.06 -9.25
CA PRO B 5 -16.10 -14.90 -10.10
C PRO B 5 -15.49 -13.71 -9.42
N ARG B 6 -15.17 -12.68 -10.18
CA ARG B 6 -14.61 -11.48 -9.60
C ARG B 6 -15.48 -10.31 -9.95
N PHE B 7 -15.57 -9.39 -9.01
CA PHE B 7 -16.33 -8.16 -9.16
C PHE B 7 -15.37 -7.04 -8.84
N LEU B 8 -15.37 -5.98 -9.66
CA LEU B 8 -14.45 -4.91 -9.40
C LEU B 8 -15.04 -3.52 -9.51
N TRP B 9 -14.42 -2.59 -8.80
CA TRP B 9 -14.85 -1.20 -8.83
C TRP B 9 -13.56 -0.39 -8.94
N GLN B 10 -13.49 0.43 -9.98
CA GLN B 10 -12.34 1.28 -10.24
C GLN B 10 -12.81 2.70 -10.17
N LEU B 11 -11.98 3.58 -9.62
CA LEU B 11 -12.38 4.96 -9.52
C LEU B 11 -11.21 5.81 -9.93
N LYS B 12 -11.43 6.74 -10.85
CA LYS B 12 -10.36 7.61 -11.31
C LYS B 12 -10.75 9.06 -11.29
N PHE B 13 -9.84 9.90 -10.82
CA PHE B 13 -10.06 11.33 -10.82
C PHE B 13 -8.97 11.88 -11.73
N GLU B 14 -9.33 12.35 -12.93
CA GLU B 14 -8.32 12.83 -13.86
C GLU B 14 -8.19 14.33 -14.05
N CYS B 15 -6.93 14.78 -14.08
CA CYS B 15 -6.56 16.19 -14.27
C CYS B 15 -5.72 16.45 -15.53
N HIS B 16 -6.39 16.88 -16.59
CA HIS B 16 -5.69 17.16 -17.82
C HIS B 16 -5.21 18.61 -17.81
N PHE B 17 -3.88 18.76 -17.73
CA PHE B 17 -3.23 20.07 -17.69
C PHE B 17 -2.66 20.45 -19.05
N PHE B 18 -3.27 21.46 -19.67
CA PHE B 18 -2.83 21.94 -20.97
C PHE B 18 -2.15 23.30 -20.85
N ASN B 19 -0.94 23.40 -21.38
CA ASN B 19 -0.18 24.63 -21.32
C ASN B 19 0.21 25.04 -19.91
N GLY B 20 0.63 24.06 -19.11
CA GLY B 20 1.07 24.31 -17.75
C GLY B 20 0.06 24.31 -16.64
N THR B 21 -0.93 25.20 -16.74
CA THR B 21 -1.96 25.35 -15.72
C THR B 21 -3.00 26.30 -16.27
N GLU B 22 -2.69 26.92 -17.42
CA GLU B 22 -3.57 27.89 -18.06
C GLU B 22 -4.86 27.25 -18.48
N ARG B 23 -4.86 25.94 -18.60
CA ARG B 23 -6.05 25.19 -18.99
C ARG B 23 -6.13 23.86 -18.23
N VAL B 24 -7.21 23.67 -17.49
CA VAL B 24 -7.39 22.43 -16.74
C VAL B 24 -8.75 21.79 -17.04
N ARG B 25 -8.82 20.48 -16.94
CA ARG B 25 -10.08 19.77 -17.19
C ARG B 25 -10.17 18.56 -16.27
N LEU B 26 -11.04 18.65 -15.26
CA LEU B 26 -11.20 17.55 -14.33
C LEU B 26 -12.20 16.58 -14.90
N LEU B 27 -11.87 15.29 -14.87
CA LEU B 27 -12.77 14.28 -15.41
C LEU B 27 -13.00 13.06 -14.52
N GLU B 28 -13.82 13.21 -13.48
CA GLU B 28 -14.12 12.14 -12.55
C GLU B 28 -14.80 10.94 -13.25
N ARG B 29 -14.19 9.75 -13.20
CA ARG B 29 -14.78 8.58 -13.87
C ARG B 29 -15.08 7.36 -12.98
N CYS B 30 -16.31 6.86 -13.04
CA CYS B 30 -16.75 5.68 -12.28
C CYS B 30 -16.79 4.46 -13.19
N ILE B 31 -16.07 3.41 -12.85
CA ILE B 31 -16.04 2.23 -13.68
C ILE B 31 -16.36 0.96 -12.91
N TYR B 32 -17.23 0.13 -13.47
CA TYR B 32 -17.56 -1.14 -12.82
C TYR B 32 -17.00 -2.24 -13.70
N ASN B 33 -16.13 -3.07 -13.13
CA ASN B 33 -15.47 -4.14 -13.87
C ASN B 33 -14.56 -3.45 -14.88
N GLN B 34 -15.05 -3.16 -16.07
CA GLN B 34 -14.21 -2.44 -17.02
C GLN B 34 -15.05 -1.46 -17.84
N GLU B 35 -16.28 -1.23 -17.40
CA GLU B 35 -17.19 -0.32 -18.06
C GLU B 35 -17.46 0.93 -17.20
N GLU B 36 -17.10 2.09 -17.75
CA GLU B 36 -17.30 3.36 -17.07
C GLU B 36 -18.80 3.58 -17.08
N SER B 37 -19.40 3.64 -15.88
CA SER B 37 -20.84 3.80 -15.70
C SER B 37 -21.32 5.24 -15.48
N VAL B 38 -20.50 6.07 -14.84
CA VAL B 38 -20.87 7.46 -14.61
C VAL B 38 -19.62 8.35 -14.45
N ARG B 39 -19.69 9.58 -14.97
CA ARG B 39 -18.56 10.50 -14.87
C ARG B 39 -18.95 11.97 -14.83
N PHE B 40 -18.04 12.76 -14.26
CA PHE B 40 -18.19 14.20 -14.11
C PHE B 40 -17.15 14.87 -14.95
N ASP B 41 -17.51 15.99 -15.57
CA ASP B 41 -16.57 16.69 -16.42
C ASP B 41 -16.62 18.20 -16.24
N SER B 42 -15.50 18.79 -15.82
CA SER B 42 -15.42 20.23 -15.62
C SER B 42 -15.95 21.00 -16.83
N ASP B 43 -15.77 20.43 -18.02
CA ASP B 43 -16.22 21.05 -19.27
C ASP B 43 -17.73 20.96 -19.46
N VAL B 44 -18.41 20.25 -18.57
CA VAL B 44 -19.86 20.08 -18.61
C VAL B 44 -20.44 20.53 -17.29
N GLY B 45 -19.62 20.48 -16.24
CA GLY B 45 -20.09 20.91 -14.94
C GLY B 45 -20.92 19.96 -14.08
N GLU B 46 -21.51 18.92 -14.66
CA GLU B 46 -22.30 17.99 -13.85
C GLU B 46 -22.11 16.53 -14.20
N TYR B 47 -22.65 15.65 -13.37
CA TYR B 47 -22.49 14.22 -13.60
C TYR B 47 -23.41 13.84 -14.71
N ARG B 48 -23.04 12.79 -15.43
CA ARG B 48 -23.83 12.26 -16.54
C ARG B 48 -23.55 10.78 -16.69
N ALA B 49 -24.61 10.00 -16.87
CA ALA B 49 -24.46 8.55 -17.05
C ALA B 49 -23.89 8.28 -18.42
N VAL B 50 -23.36 7.07 -18.62
CA VAL B 50 -22.81 6.71 -19.91
C VAL B 50 -23.26 5.31 -20.33
N THR B 51 -24.05 4.68 -19.47
CA THR B 51 -24.66 3.36 -19.72
C THR B 51 -25.77 3.28 -18.69
N GLU B 52 -26.85 2.59 -19.04
CA GLU B 52 -28.02 2.45 -18.18
C GLU B 52 -27.77 2.34 -16.67
N LEU B 53 -26.72 1.64 -16.29
CA LEU B 53 -26.40 1.47 -14.88
C LEU B 53 -26.07 2.79 -14.23
N GLY B 54 -25.52 3.72 -15.01
CA GLY B 54 -25.17 5.01 -14.46
C GLY B 54 -26.35 5.86 -14.06
N ARG B 55 -27.47 5.71 -14.76
CA ARG B 55 -28.66 6.50 -14.50
C ARG B 55 -28.95 6.95 -13.06
N PRO B 56 -29.26 6.01 -12.15
CA PRO B 56 -29.54 6.44 -10.79
C PRO B 56 -28.54 7.47 -10.33
N ASP B 57 -27.27 7.10 -10.39
CA ASP B 57 -26.19 7.98 -9.95
C ASP B 57 -26.28 9.41 -10.45
N ALA B 58 -26.20 9.58 -11.75
CA ALA B 58 -26.23 10.90 -12.36
C ALA B 58 -27.33 11.76 -11.81
N GLU B 59 -28.58 11.38 -12.08
CA GLU B 59 -29.74 12.16 -11.62
C GLU B 59 -29.55 12.54 -10.16
N TYR B 60 -29.01 11.59 -9.40
CA TYR B 60 -28.70 11.69 -7.97
C TYR B 60 -27.82 12.91 -7.73
N TRP B 61 -26.52 12.66 -7.61
CA TRP B 61 -25.53 13.70 -7.38
C TRP B 61 -25.89 15.10 -7.87
N ASN B 62 -26.16 15.22 -9.17
CA ASN B 62 -26.52 16.52 -9.71
C ASN B 62 -27.64 17.17 -8.91
N SER B 63 -28.34 16.38 -8.12
CA SER B 63 -29.40 16.91 -7.29
C SER B 63 -28.84 17.83 -6.23
N GLN B 64 -27.77 17.38 -5.55
CA GLN B 64 -27.15 18.19 -4.50
C GLN B 64 -26.29 19.26 -5.15
N LYS B 65 -26.91 20.39 -5.42
CA LYS B 65 -26.25 21.52 -6.03
C LYS B 65 -25.10 21.89 -5.13
N ASP B 66 -25.17 21.42 -3.90
CA ASP B 66 -24.15 21.71 -2.90
C ASP B 66 -22.85 20.95 -3.16
N LEU B 67 -23.00 19.67 -3.53
CA LEU B 67 -21.88 18.77 -3.85
C LEU B 67 -21.35 19.18 -5.22
N LEU B 68 -22.26 19.51 -6.13
CA LEU B 68 -21.88 19.92 -7.47
C LEU B 68 -20.99 21.14 -7.41
N GLU B 69 -21.39 22.12 -6.64
CA GLU B 69 -20.62 23.35 -6.50
C GLU B 69 -19.17 23.01 -6.15
N GLN B 70 -18.99 22.03 -5.26
CA GLN B 70 -17.66 21.63 -4.89
C GLN B 70 -16.96 21.00 -6.12
N ARG B 71 -17.46 19.88 -6.57
CA ARG B 71 -16.89 19.20 -7.72
C ARG B 71 -16.56 20.11 -8.89
N ARG B 72 -17.01 21.36 -8.85
CA ARG B 72 -16.74 22.31 -9.94
C ARG B 72 -15.55 23.20 -9.61
N ALA B 73 -15.36 23.46 -8.32
CA ALA B 73 -14.24 24.29 -7.87
C ALA B 73 -12.98 23.45 -7.75
N ALA B 74 -13.18 22.13 -7.61
CA ALA B 74 -12.10 21.16 -7.48
C ALA B 74 -10.99 21.37 -8.49
N VAL B 75 -11.22 22.27 -9.43
CA VAL B 75 -10.22 22.54 -10.43
C VAL B 75 -9.14 23.40 -9.83
N ASP B 76 -9.48 24.12 -8.77
CA ASP B 76 -8.51 25.01 -8.12
C ASP B 76 -7.96 24.48 -6.82
N THR B 77 -8.75 23.67 -6.12
CA THR B 77 -8.32 23.15 -4.83
C THR B 77 -7.64 21.80 -4.96
N TYR B 78 -8.01 21.07 -5.99
CA TYR B 78 -7.44 19.74 -6.24
C TYR B 78 -6.48 19.80 -7.43
N CYS B 79 -7.00 19.70 -8.65
CA CYS B 79 -6.14 19.73 -9.83
C CYS B 79 -5.02 20.76 -9.76
N ARG B 80 -5.37 22.04 -9.72
CA ARG B 80 -4.34 23.07 -9.65
C ARG B 80 -3.46 22.91 -8.42
N HIS B 81 -4.06 22.83 -7.25
CA HIS B 81 -3.28 22.68 -6.02
C HIS B 81 -2.30 21.52 -6.05
N ASN B 82 -2.78 20.32 -6.41
CA ASN B 82 -1.89 19.17 -6.46
C ASN B 82 -0.76 19.41 -7.45
N TYR B 83 -1.11 19.91 -8.64
CA TYR B 83 -0.13 20.16 -9.68
C TYR B 83 1.14 20.85 -9.23
N GLY B 84 0.98 21.91 -8.42
CA GLY B 84 2.12 22.66 -7.92
C GLY B 84 2.73 22.07 -6.69
N VAL B 85 2.11 21.01 -6.18
CA VAL B 85 2.64 20.36 -5.00
C VAL B 85 3.86 19.60 -5.46
N GLY B 86 3.68 18.77 -6.50
CA GLY B 86 4.77 17.97 -6.99
C GLY B 86 5.49 18.50 -8.22
N GLU B 87 5.16 19.72 -8.62
CA GLU B 87 5.77 20.36 -9.78
C GLU B 87 7.27 20.14 -9.87
N SER B 88 7.99 20.38 -8.78
CA SER B 88 9.45 20.26 -8.76
C SER B 88 10.01 18.87 -9.11
N PHE B 89 9.45 17.81 -8.54
CA PHE B 89 9.99 16.49 -8.81
C PHE B 89 9.33 15.70 -9.92
N THR B 90 8.33 16.30 -10.57
CA THR B 90 7.60 15.65 -11.65
C THR B 90 7.72 16.41 -12.97
N VAL B 91 7.07 17.56 -13.04
CA VAL B 91 7.11 18.37 -14.23
C VAL B 91 8.54 18.76 -14.56
N GLN B 92 9.22 19.30 -13.55
CA GLN B 92 10.61 19.77 -13.61
C GLN B 92 11.58 18.60 -13.69
N ARG B 93 11.13 17.43 -13.26
CA ARG B 93 11.96 16.24 -13.27
C ARG B 93 12.75 16.13 -14.56
N ARG B 94 14.07 16.08 -14.45
CA ARG B 94 14.94 15.97 -15.62
C ARG B 94 16.21 15.17 -15.37
N VAL B 95 16.40 14.15 -16.18
CA VAL B 95 17.58 13.30 -16.10
C VAL B 95 18.12 13.08 -17.52
N GLU B 96 19.38 13.43 -17.71
CA GLU B 96 20.06 13.31 -19.00
C GLU B 96 20.27 11.86 -19.40
N PRO B 97 19.85 11.51 -20.62
CA PRO B 97 19.99 10.14 -21.12
C PRO B 97 21.41 9.70 -21.30
N LYS B 98 21.60 8.41 -21.52
CA LYS B 98 22.91 7.82 -21.73
C LYS B 98 22.82 7.24 -23.13
N VAL B 99 23.66 7.70 -24.05
CA VAL B 99 23.61 7.16 -25.41
C VAL B 99 24.75 6.17 -25.66
N THR B 100 24.47 5.14 -26.46
CA THR B 100 25.45 4.12 -26.78
C THR B 100 25.21 3.47 -28.15
N VAL B 101 26.30 3.12 -28.82
CA VAL B 101 26.20 2.47 -30.12
C VAL B 101 26.97 1.14 -30.12
N TYR B 102 26.42 0.16 -30.84
CA TYR B 102 27.01 -1.16 -30.96
C TYR B 102 26.31 -1.92 -32.09
N PRO B 103 26.95 -2.98 -32.62
CA PRO B 103 26.27 -3.70 -33.69
C PRO B 103 25.60 -4.99 -33.16
N SER B 104 24.51 -5.40 -33.82
CA SER B 104 23.76 -6.59 -33.46
C SER B 104 24.20 -7.75 -34.34
N LYS B 105 25.06 -8.62 -33.80
CA LYS B 105 25.61 -9.79 -34.52
C LYS B 105 26.87 -9.45 -35.33
N THR B 106 27.98 -9.11 -34.65
CA THR B 106 29.23 -8.77 -35.33
C THR B 106 29.39 -9.57 -36.65
N GLN B 107 29.52 -8.85 -37.77
CA GLN B 107 29.65 -9.47 -39.09
C GLN B 107 30.93 -9.08 -39.86
N PRO B 108 31.15 -9.66 -41.06
CA PRO B 108 32.32 -9.38 -41.91
C PRO B 108 32.03 -8.23 -42.87
N LEU B 109 32.24 -7.00 -42.40
CA LEU B 109 32.01 -5.77 -43.15
C LEU B 109 31.43 -5.84 -44.57
N GLN B 110 30.47 -4.95 -44.81
CA GLN B 110 29.75 -4.79 -46.08
C GLN B 110 28.65 -5.80 -46.38
N HIS B 111 28.50 -6.80 -45.53
CA HIS B 111 27.40 -7.76 -45.71
C HIS B 111 26.28 -7.16 -44.87
N HIS B 112 25.40 -6.39 -45.53
CA HIS B 112 24.29 -5.71 -44.86
C HIS B 112 24.15 -6.01 -43.36
N ASN B 113 24.05 -4.94 -42.57
CA ASN B 113 23.94 -5.06 -41.13
C ASN B 113 22.75 -4.26 -40.56
N LEU B 114 22.79 -4.04 -39.25
CA LEU B 114 21.77 -3.28 -38.53
C LEU B 114 22.45 -2.55 -37.37
N LEU B 115 22.05 -1.30 -37.14
CA LEU B 115 22.63 -0.53 -36.04
C LEU B 115 21.56 -0.12 -35.04
N VAL B 116 21.91 -0.21 -33.75
CA VAL B 116 20.95 0.12 -32.70
C VAL B 116 21.45 1.12 -31.66
N CYS B 117 20.92 2.34 -31.70
CA CYS B 117 21.31 3.33 -30.70
C CYS B 117 20.44 2.94 -29.51
N SER B 118 21.01 2.95 -28.31
CA SER B 118 20.23 2.56 -27.13
C SER B 118 20.20 3.63 -26.06
N VAL B 119 19.40 4.67 -26.30
CA VAL B 119 19.28 5.71 -25.30
C VAL B 119 18.72 5.01 -24.06
N SER B 120 19.22 5.39 -22.87
CA SER B 120 18.77 4.78 -21.62
C SER B 120 19.04 5.65 -20.40
N GLY B 121 18.02 5.93 -19.59
CA GLY B 121 18.22 6.74 -18.40
C GLY B 121 17.22 7.87 -18.27
N PHE B 122 16.57 8.15 -19.38
CA PHE B 122 15.51 9.16 -19.56
C PHE B 122 14.69 9.89 -18.49
N TYR B 123 13.84 10.75 -19.04
CA TYR B 123 12.86 11.60 -18.37
C TYR B 123 13.13 13.08 -18.54
N PRO B 124 12.21 13.81 -19.20
CA PRO B 124 10.94 13.33 -19.78
C PRO B 124 11.08 12.33 -20.92
N GLY B 125 9.95 12.02 -21.54
CA GLY B 125 9.91 11.07 -22.64
C GLY B 125 10.15 11.69 -24.00
N SER B 126 9.42 12.77 -24.29
CA SER B 126 9.57 13.46 -25.57
C SER B 126 11.05 13.43 -25.95
N ILE B 127 11.41 12.55 -26.88
CA ILE B 127 12.81 12.43 -27.32
C ILE B 127 13.02 12.31 -28.82
N GLU B 128 14.22 12.67 -29.26
CA GLU B 128 14.58 12.60 -30.68
C GLU B 128 15.98 11.98 -30.84
N VAL B 129 16.11 11.15 -31.87
CA VAL B 129 17.36 10.48 -32.18
C VAL B 129 17.43 10.14 -33.66
N ARG B 130 18.12 11.01 -34.40
CA ARG B 130 18.31 10.85 -35.83
C ARG B 130 19.61 10.10 -36.03
N TRP B 131 19.83 9.61 -37.25
CA TRP B 131 21.07 8.92 -37.57
C TRP B 131 21.74 9.76 -38.65
N PHE B 132 23.05 9.62 -38.80
CA PHE B 132 23.79 10.38 -39.81
C PHE B 132 25.00 9.62 -40.35
N ARG B 133 24.88 9.06 -41.55
CA ARG B 133 26.00 8.34 -42.16
C ARG B 133 26.88 9.35 -42.88
N ASN B 134 28.01 9.70 -42.26
CA ASN B 134 28.94 10.68 -42.82
C ASN B 134 28.34 12.08 -42.86
N GLY B 135 27.58 12.43 -41.82
CA GLY B 135 26.98 13.75 -41.76
C GLY B 135 25.65 13.87 -42.49
N GLN B 136 25.25 12.80 -43.18
CA GLN B 136 23.99 12.81 -43.90
C GLN B 136 22.90 12.07 -43.13
N GLU B 137 21.83 12.79 -42.84
CA GLU B 137 20.70 12.26 -42.08
C GLU B 137 19.95 11.20 -42.90
N GLU B 138 19.42 10.20 -42.21
CA GLU B 138 18.66 9.18 -42.90
C GLU B 138 17.33 8.99 -42.21
N LYS B 139 16.29 9.04 -43.04
CA LYS B 139 14.92 8.86 -42.62
C LYS B 139 14.54 7.57 -43.34
N ALA B 140 15.56 6.86 -43.82
CA ALA B 140 15.38 5.62 -44.56
C ALA B 140 16.19 4.47 -43.96
N GLY B 141 15.52 3.61 -43.20
CA GLY B 141 16.18 2.49 -42.58
C GLY B 141 16.33 2.62 -41.07
N VAL B 142 15.57 3.54 -40.47
CA VAL B 142 15.65 3.75 -39.02
C VAL B 142 14.45 3.16 -38.32
N VAL B 143 14.41 1.83 -38.27
CA VAL B 143 13.33 1.11 -37.61
C VAL B 143 13.55 1.22 -36.09
N SER B 144 12.56 1.76 -35.38
CA SER B 144 12.62 2.00 -33.94
C SER B 144 11.64 1.18 -33.07
N THR B 145 12.09 0.82 -31.87
CA THR B 145 11.26 0.04 -30.93
C THR B 145 10.17 0.89 -30.28
N GLY B 146 10.44 2.19 -30.16
CA GLY B 146 9.45 3.07 -29.57
C GLY B 146 9.79 3.45 -28.13
N LEU B 147 9.01 4.38 -27.60
CA LEU B 147 9.18 4.88 -26.24
C LEU B 147 8.87 3.75 -25.27
N ILE B 148 9.89 3.34 -24.53
CA ILE B 148 9.77 2.26 -23.54
C ILE B 148 9.84 2.84 -22.14
N GLN B 149 8.75 2.72 -21.40
CA GLN B 149 8.65 3.23 -20.03
C GLN B 149 9.03 2.12 -19.06
N ASN B 150 9.95 2.42 -18.16
CA ASN B 150 10.44 1.44 -17.21
C ASN B 150 9.72 1.40 -15.88
N GLY B 151 8.97 2.45 -15.58
CA GLY B 151 8.22 2.50 -14.33
C GLY B 151 8.93 3.06 -13.11
N ASP B 152 10.23 3.31 -13.22
CA ASP B 152 11.02 3.86 -12.12
C ASP B 152 11.26 5.32 -12.42
N TRP B 153 10.49 5.84 -13.36
CA TRP B 153 10.59 7.23 -13.80
C TRP B 153 11.77 7.41 -14.72
N THR B 154 11.93 6.51 -15.68
CA THR B 154 13.06 6.58 -16.61
C THR B 154 12.71 5.89 -17.90
N PHE B 155 13.06 6.48 -19.03
CA PHE B 155 12.77 5.82 -20.31
C PHE B 155 14.04 5.31 -21.02
N GLN B 156 13.81 4.56 -22.10
CA GLN B 156 14.88 4.02 -22.92
C GLN B 156 14.38 3.45 -24.24
N THR B 157 14.58 4.23 -25.30
CA THR B 157 14.18 3.86 -26.67
C THR B 157 15.37 3.29 -27.42
N LEU B 158 15.10 2.51 -28.48
CA LEU B 158 16.14 1.95 -29.32
C LEU B 158 15.77 2.14 -30.79
N VAL B 159 16.46 3.08 -31.41
CA VAL B 159 16.27 3.43 -32.80
C VAL B 159 17.33 2.71 -33.62
N MET B 160 16.90 1.74 -34.42
CA MET B 160 17.83 0.97 -35.24
C MET B 160 17.91 1.47 -36.68
N LEU B 161 19.00 1.09 -37.36
CA LEU B 161 19.22 1.46 -38.74
C LEU B 161 19.86 0.29 -39.50
N GLU B 162 19.27 -0.05 -40.64
CA GLU B 162 19.73 -1.14 -41.48
C GLU B 162 20.59 -0.57 -42.61
N THR B 163 21.76 -1.17 -42.84
CA THR B 163 22.67 -0.67 -43.88
C THR B 163 23.54 -1.75 -44.54
N VAL B 164 24.69 -1.31 -45.05
CA VAL B 164 25.70 -2.15 -45.70
C VAL B 164 27.04 -1.40 -45.50
N PRO B 165 27.82 -1.83 -44.48
CA PRO B 165 29.13 -1.30 -44.07
C PRO B 165 30.30 -1.08 -45.05
N ARG B 166 30.22 0.00 -45.83
CA ARG B 166 31.29 0.35 -46.77
C ARG B 166 32.36 1.01 -45.89
N SER B 167 33.60 0.55 -45.95
CA SER B 167 34.65 1.15 -45.13
C SER B 167 34.72 2.66 -45.30
N GLY B 168 35.25 3.34 -44.28
CA GLY B 168 35.37 4.80 -44.35
C GLY B 168 34.14 5.54 -43.86
N GLU B 169 32.96 4.97 -44.08
CA GLU B 169 31.70 5.58 -43.66
C GLU B 169 31.66 5.79 -42.14
N VAL B 170 31.27 6.98 -41.72
CA VAL B 170 31.16 7.30 -40.30
C VAL B 170 29.71 7.64 -39.92
N TYR B 171 29.10 6.67 -39.22
CA TYR B 171 27.72 6.75 -38.75
C TYR B 171 27.67 7.45 -37.40
N THR B 172 26.52 8.05 -37.09
CA THR B 172 26.37 8.74 -35.81
C THR B 172 24.92 8.92 -35.36
N CYS B 173 24.70 8.68 -34.06
CA CYS B 173 23.40 8.79 -33.43
C CYS B 173 23.31 10.07 -32.61
N GLN B 174 22.46 11.00 -33.07
CA GLN B 174 22.25 12.29 -32.41
C GLN B 174 20.98 12.23 -31.57
N VAL B 175 21.01 12.82 -30.37
CA VAL B 175 19.87 12.80 -29.47
C VAL B 175 19.56 14.09 -28.72
N GLU B 176 18.48 14.76 -29.08
CA GLU B 176 18.11 15.99 -28.38
C GLU B 176 17.14 15.65 -27.25
N HIS B 177 17.46 16.16 -26.06
CA HIS B 177 16.66 15.91 -24.88
C HIS B 177 16.53 17.19 -24.08
N PRO B 178 15.37 17.44 -23.46
CA PRO B 178 15.23 18.66 -22.66
C PRO B 178 16.14 18.73 -21.44
N SER B 179 16.95 17.70 -21.23
CA SER B 179 17.87 17.66 -20.10
C SER B 179 19.25 18.07 -20.56
N VAL B 180 19.37 18.45 -21.83
CA VAL B 180 20.65 18.88 -22.40
C VAL B 180 20.54 20.04 -23.39
N THR B 181 21.30 21.09 -23.08
CA THR B 181 21.36 22.33 -23.86
C THR B 181 21.86 22.14 -25.30
N SER B 182 22.65 21.08 -25.51
CA SER B 182 23.20 20.77 -26.82
C SER B 182 23.03 19.27 -27.10
N PRO B 183 22.42 18.93 -28.24
CA PRO B 183 22.21 17.51 -28.59
C PRO B 183 23.45 16.64 -28.39
N LEU B 184 23.27 15.52 -27.68
CA LEU B 184 24.35 14.58 -27.44
C LEU B 184 24.66 13.83 -28.74
N THR B 185 25.86 13.24 -28.83
CA THR B 185 26.25 12.48 -30.03
C THR B 185 27.20 11.32 -29.78
N VAL B 186 27.17 10.37 -30.71
CA VAL B 186 28.04 9.21 -30.65
C VAL B 186 28.22 8.60 -32.04
N GLU B 187 29.48 8.53 -32.43
CA GLU B 187 29.91 8.04 -33.73
C GLU B 187 30.54 6.65 -33.69
N TRP B 188 30.38 5.91 -34.79
CA TRP B 188 30.96 4.58 -34.91
C TRP B 188 31.57 4.39 -36.29
N ARG B 189 32.82 3.93 -36.30
CA ARG B 189 33.56 3.68 -37.52
C ARG B 189 33.03 2.39 -38.16
N ALA B 190 33.04 2.32 -39.48
CA ALA B 190 32.57 1.13 -40.17
C ALA B 190 33.70 0.11 -40.20
N PRO C 1 4.17 21.19 1.21
CA PRO C 1 3.13 21.02 0.18
C PRO C 1 2.34 19.72 0.34
N LYS C 2 1.13 19.86 0.88
CA LYS C 2 0.22 18.75 1.14
C LYS C 2 -0.59 18.29 -0.06
N TYR C 3 -0.55 17.00 -0.36
CA TYR C 3 -1.36 16.46 -1.46
C TYR C 3 -2.80 16.31 -0.96
N VAL C 4 -3.76 16.74 -1.74
CA VAL C 4 -5.14 16.62 -1.32
C VAL C 4 -5.80 15.55 -2.17
N LYS C 5 -6.44 14.59 -1.52
CA LYS C 5 -7.14 13.50 -2.22
C LYS C 5 -8.52 14.01 -2.63
N GLN C 6 -9.24 13.21 -3.39
CA GLN C 6 -10.61 13.58 -3.78
C GLN C 6 -11.49 12.50 -3.18
N ASN C 7 -12.35 12.91 -2.26
CA ASN C 7 -13.25 12.01 -1.53
C ASN C 7 -14.18 11.26 -2.45
N THR C 8 -14.32 9.96 -2.26
CA THR C 8 -15.24 9.24 -3.13
C THR C 8 -16.65 9.28 -2.52
N LEU C 9 -17.64 9.39 -3.39
CA LEU C 9 -19.04 9.47 -3.00
C LEU C 9 -19.76 8.14 -3.07
N LYS C 10 -20.89 8.06 -2.35
CA LYS C 10 -21.69 6.85 -2.33
C LYS C 10 -22.70 6.89 -3.44
N LEU C 11 -22.81 5.77 -4.14
CA LEU C 11 -23.72 5.66 -5.25
C LEU C 11 -25.18 5.68 -4.82
N ALA C 12 -26.06 5.71 -5.81
CA ALA C 12 -27.49 5.75 -5.61
C ALA C 12 -28.03 4.45 -5.03
N THR C 13 -28.61 4.52 -3.84
CA THR C 13 -29.15 3.31 -3.21
C THR C 13 -30.61 3.09 -3.62
N SER D 1 9.96 -14.17 37.12
CA SER D 1 10.33 -12.82 37.62
C SER D 1 11.82 -12.57 37.41
N GLU D 2 12.32 -11.45 37.95
CA GLU D 2 13.73 -11.09 37.84
C GLU D 2 14.06 -10.05 38.91
N LYS D 3 15.32 -9.65 38.99
CA LYS D 3 15.77 -8.65 39.97
C LYS D 3 15.30 -7.22 39.60
N SER D 4 14.90 -6.43 40.60
CA SER D 4 14.45 -5.05 40.36
C SER D 4 15.60 -4.06 40.33
N GLU D 5 16.82 -4.57 40.19
CA GLU D 5 18.00 -3.72 40.11
C GLU D 5 18.59 -4.01 38.74
N GLU D 6 17.98 -4.98 38.06
CA GLU D 6 18.39 -5.42 36.73
C GLU D 6 17.30 -5.10 35.71
N ILE D 7 16.03 -5.16 36.14
CA ILE D 7 14.91 -4.82 35.28
C ILE D 7 14.85 -3.30 35.43
N ASN D 8 15.56 -2.87 36.46
CA ASN D 8 15.72 -1.49 36.84
C ASN D 8 16.70 -0.89 35.83
N GLU D 9 17.37 -1.75 35.08
CA GLU D 9 18.37 -1.34 34.08
C GLU D 9 17.85 -1.07 32.67
N LYS D 10 17.22 -2.08 32.07
CA LYS D 10 16.70 -1.94 30.71
C LYS D 10 16.23 -0.51 30.46
N ASP D 11 16.33 -0.08 29.21
CA ASP D 11 15.95 1.27 28.84
C ASP D 11 14.47 1.51 28.55
N LEU D 12 13.66 1.57 29.60
CA LEU D 12 12.23 1.84 29.48
C LEU D 12 12.11 3.32 29.14
N ARG D 13 11.05 3.69 28.42
CA ARG D 13 10.82 5.09 28.11
C ARG D 13 10.35 5.68 29.45
N LYS D 14 10.22 7.00 29.51
CA LYS D 14 9.76 7.62 30.76
C LYS D 14 8.39 8.24 30.54
N LYS D 15 7.81 8.76 31.62
CA LYS D 15 6.51 9.40 31.51
C LYS D 15 6.89 10.80 31.03
N SER D 16 8.14 11.18 31.31
CA SER D 16 8.66 12.46 30.87
C SER D 16 8.43 12.55 29.37
N GLU D 17 8.90 11.53 28.66
CA GLU D 17 8.80 11.47 27.20
C GLU D 17 7.42 11.45 26.54
N LEU D 18 6.33 11.59 27.28
CA LEU D 18 5.01 11.57 26.65
C LEU D 18 4.45 12.91 26.17
N GLN D 19 4.42 13.06 24.84
CA GLN D 19 3.93 14.27 24.18
C GLN D 19 2.39 14.36 24.18
N GLY D 20 1.89 15.54 24.57
CA GLY D 20 0.45 15.77 24.61
C GLY D 20 -0.49 14.76 25.24
N THR D 21 -1.79 14.93 24.94
CA THR D 21 -2.90 14.10 25.45
C THR D 21 -2.71 12.59 25.49
N ALA D 22 -1.55 12.12 25.05
CA ALA D 22 -1.24 10.70 25.04
C ALA D 22 -1.53 10.04 26.40
N LEU D 23 -0.86 10.56 27.44
CA LEU D 23 -1.02 10.05 28.79
C LEU D 23 -2.49 9.92 29.13
N GLY D 24 -3.23 11.00 28.98
CA GLY D 24 -4.65 10.96 29.30
C GLY D 24 -5.41 9.93 28.48
N ASN D 25 -4.81 9.48 27.38
CA ASN D 25 -5.47 8.48 26.56
C ASN D 25 -5.13 7.06 26.95
N LEU D 26 -4.08 6.91 27.75
CA LEU D 26 -3.69 5.59 28.24
C LEU D 26 -4.60 5.38 29.45
N LYS D 27 -4.90 6.48 30.14
CA LYS D 27 -5.77 6.43 31.29
C LYS D 27 -7.18 6.40 30.72
N GLN D 28 -7.28 6.79 29.46
CA GLN D 28 -8.57 6.79 28.78
C GLN D 28 -8.83 5.35 28.34
N ILE D 29 -7.91 4.83 27.53
CA ILE D 29 -8.01 3.47 27.02
C ILE D 29 -8.17 2.44 28.13
N TYR D 30 -7.28 2.50 29.11
CA TYR D 30 -7.24 1.55 30.21
C TYR D 30 -8.19 1.65 31.40
N TYR D 31 -8.52 2.87 31.82
CA TYR D 31 -9.39 3.09 32.98
C TYR D 31 -10.86 3.43 32.67
N TYR D 32 -11.10 4.58 32.04
CA TYR D 32 -12.45 5.02 31.73
C TYR D 32 -13.13 4.32 30.56
N ASN D 33 -12.44 4.23 29.43
CA ASN D 33 -12.98 3.61 28.22
C ASN D 33 -13.63 2.25 28.35
N GLU D 34 -14.49 1.93 27.39
CA GLU D 34 -15.17 0.64 27.33
C GLU D 34 -14.29 -0.26 26.46
N LYS D 35 -14.58 -1.56 26.44
CA LYS D 35 -13.80 -2.52 25.67
C LYS D 35 -14.66 -3.73 25.30
N ALA D 36 -14.41 -4.29 24.13
CA ALA D 36 -15.15 -5.46 23.63
C ALA D 36 -14.86 -6.74 24.43
N LYS D 37 -15.85 -7.63 24.48
CA LYS D 37 -15.75 -8.89 25.20
C LYS D 37 -17.01 -9.67 24.90
N THR D 38 -17.09 -10.36 23.76
CA THR D 38 -18.31 -11.14 23.53
C THR D 38 -18.19 -12.48 22.83
N GLU D 39 -18.24 -13.52 23.66
CA GLU D 39 -18.12 -14.91 23.25
C GLU D 39 -19.02 -15.43 22.15
N ASN D 40 -18.49 -16.46 21.49
CA ASN D 40 -19.14 -17.20 20.42
C ASN D 40 -19.53 -16.43 19.16
N LYS D 41 -18.79 -15.39 18.81
CA LYS D 41 -19.14 -14.65 17.60
C LYS D 41 -18.51 -15.26 16.35
N GLU D 42 -18.94 -14.79 15.19
CA GLU D 42 -18.48 -15.36 13.94
C GLU D 42 -18.25 -14.29 12.88
N SER D 43 -17.94 -14.74 11.67
CA SER D 43 -17.75 -13.89 10.49
C SER D 43 -16.54 -14.07 9.60
N HIS D 44 -16.80 -13.83 8.32
CA HIS D 44 -15.78 -13.85 7.29
C HIS D 44 -16.09 -12.58 6.53
N ASP D 45 -16.33 -11.53 7.30
CA ASP D 45 -16.62 -10.19 6.80
C ASP D 45 -15.43 -9.29 7.07
N GLN D 46 -14.98 -8.57 6.05
CA GLN D 46 -13.81 -7.70 6.18
C GLN D 46 -13.96 -6.33 5.54
N PHE D 47 -12.88 -5.57 5.62
CA PHE D 47 -12.82 -4.27 4.98
C PHE D 47 -11.67 -4.51 3.99
N LEU D 48 -10.43 -4.35 4.44
CA LEU D 48 -9.31 -4.65 3.56
C LEU D 48 -9.01 -6.09 3.94
N GLN D 49 -7.93 -6.71 3.45
CA GLN D 49 -7.75 -8.10 3.83
C GLN D 49 -7.08 -8.46 5.14
N HIS D 50 -6.44 -7.49 5.81
CA HIS D 50 -5.80 -7.71 7.12
C HIS D 50 -6.78 -7.56 8.27
N THR D 51 -8.03 -7.27 7.94
CA THR D 51 -9.04 -7.05 8.96
C THR D 51 -10.21 -8.04 8.95
N ILE D 52 -11.08 -7.90 9.94
CA ILE D 52 -12.28 -8.69 10.08
C ILE D 52 -13.22 -7.71 10.73
N LEU D 53 -14.40 -7.55 10.14
CA LEU D 53 -15.42 -6.63 10.62
C LEU D 53 -16.52 -7.43 11.26
N PHE D 54 -17.05 -6.95 12.38
CA PHE D 54 -18.13 -7.67 13.00
C PHE D 54 -19.45 -6.93 12.80
N LYS D 55 -19.96 -7.05 11.57
CA LYS D 55 -21.20 -6.40 11.14
C LYS D 55 -22.23 -6.46 12.23
N GLY D 56 -22.70 -5.29 12.66
CA GLY D 56 -23.70 -5.25 13.71
C GLY D 56 -23.20 -5.98 14.93
N PHE D 57 -22.12 -5.46 15.52
CA PHE D 57 -21.53 -6.04 16.72
C PHE D 57 -21.98 -5.36 18.01
N PHE D 58 -22.21 -4.05 17.95
CA PHE D 58 -22.62 -3.26 19.10
C PHE D 58 -24.15 -3.09 19.15
N THR D 59 -24.77 -3.45 20.28
CA THR D 59 -26.22 -3.32 20.43
C THR D 59 -26.66 -2.49 21.64
N ASP D 60 -27.04 -1.25 21.34
CA ASP D 60 -27.50 -0.24 22.30
C ASP D 60 -26.40 0.79 22.54
N HIS D 61 -25.64 1.09 21.49
CA HIS D 61 -24.57 2.07 21.59
C HIS D 61 -24.95 3.31 20.79
N SER D 62 -24.74 4.47 21.39
CA SER D 62 -25.11 5.72 20.76
C SER D 62 -24.39 6.14 19.48
N TRP D 63 -23.33 5.44 19.08
CA TRP D 63 -22.61 5.83 17.86
C TRP D 63 -22.30 4.68 16.91
N TYR D 64 -21.60 3.69 17.43
CA TYR D 64 -21.19 2.53 16.64
C TYR D 64 -22.24 1.45 16.53
N ASN D 65 -21.90 0.42 15.76
CA ASN D 65 -22.76 -0.75 15.57
C ASN D 65 -21.88 -1.78 14.86
N ASP D 66 -20.63 -1.41 14.67
CA ASP D 66 -19.67 -2.28 14.04
C ASP D 66 -18.29 -2.12 14.67
N LEU D 67 -17.58 -3.22 14.78
CA LEU D 67 -16.23 -3.19 15.33
C LEU D 67 -15.37 -3.92 14.31
N LEU D 68 -14.32 -3.25 13.84
CA LEU D 68 -13.42 -3.81 12.86
C LEU D 68 -12.08 -4.18 13.51
N VAL D 69 -11.77 -5.48 13.52
CA VAL D 69 -10.53 -5.98 14.12
C VAL D 69 -9.35 -5.96 13.15
N ASP D 70 -8.26 -5.32 13.57
CA ASP D 70 -7.08 -5.21 12.74
C ASP D 70 -5.95 -6.16 13.07
N PHE D 71 -5.64 -7.06 12.15
CA PHE D 71 -4.55 -8.01 12.31
C PHE D 71 -3.35 -7.64 11.46
N ASP D 72 -2.24 -8.36 11.69
CA ASP D 72 -1.00 -8.14 10.98
C ASP D 72 -1.06 -8.66 9.54
N SER D 73 -1.74 -9.78 9.35
CA SER D 73 -1.81 -10.34 8.02
C SER D 73 -3.03 -11.19 7.71
N LYS D 74 -3.23 -11.40 6.41
CA LYS D 74 -4.31 -12.22 5.92
C LYS D 74 -4.08 -13.53 6.63
N ASP D 75 -2.81 -13.91 6.73
CA ASP D 75 -2.42 -15.16 7.39
C ASP D 75 -3.13 -15.29 8.72
N ILE D 76 -3.02 -14.25 9.54
CA ILE D 76 -3.62 -14.23 10.85
C ILE D 76 -5.14 -14.17 10.77
N VAL D 77 -5.65 -13.61 9.69
CA VAL D 77 -7.08 -13.51 9.54
C VAL D 77 -7.71 -14.85 9.20
N ASP D 78 -6.97 -15.67 8.46
CA ASP D 78 -7.42 -16.99 8.02
C ASP D 78 -7.57 -17.97 9.16
N LYS D 79 -6.91 -17.69 10.28
CA LYS D 79 -7.02 -18.56 11.44
C LYS D 79 -8.39 -18.33 12.11
N TYR D 80 -8.86 -17.08 12.06
CA TYR D 80 -10.12 -16.66 12.70
C TYR D 80 -11.34 -16.33 11.82
N LYS D 81 -11.13 -16.14 10.53
CA LYS D 81 -12.24 -15.80 9.65
C LYS D 81 -13.20 -16.96 9.56
N GLY D 82 -14.48 -16.65 9.44
CA GLY D 82 -15.51 -17.66 9.34
C GLY D 82 -15.48 -18.76 10.39
N LYS D 83 -14.79 -18.51 11.51
CA LYS D 83 -14.71 -19.49 12.58
C LYS D 83 -15.33 -18.97 13.88
N LYS D 84 -15.60 -19.87 14.84
CA LYS D 84 -16.18 -19.45 16.10
C LYS D 84 -15.08 -18.65 16.80
N VAL D 85 -15.45 -17.50 17.35
CA VAL D 85 -14.45 -16.62 17.94
C VAL D 85 -14.90 -15.84 19.18
N ASP D 86 -13.91 -15.44 19.98
CA ASP D 86 -14.11 -14.65 21.18
C ASP D 86 -13.21 -13.42 21.12
N LEU D 87 -13.77 -12.26 21.49
CA LEU D 87 -13.04 -11.00 21.50
C LEU D 87 -12.91 -10.50 22.93
N TYR D 88 -11.92 -9.63 23.13
CA TYR D 88 -11.65 -9.04 24.43
C TYR D 88 -10.55 -7.98 24.29
N GLY D 89 -10.87 -6.82 23.71
CA GLY D 89 -9.88 -5.79 23.54
C GLY D 89 -10.41 -4.40 23.78
N ALA D 90 -9.56 -3.39 23.58
CA ALA D 90 -9.93 -1.99 23.77
C ALA D 90 -10.15 -1.37 22.40
N TYR D 91 -11.39 -0.99 22.09
CA TYR D 91 -11.73 -0.40 20.78
C TYR D 91 -11.71 1.11 20.73
N TYR D 92 -11.96 1.67 19.54
CA TYR D 92 -11.94 3.12 19.39
C TYR D 92 -12.73 3.72 18.23
N GLY D 93 -12.79 5.05 18.18
CA GLY D 93 -13.55 5.72 17.12
C GLY D 93 -12.87 6.71 16.18
N TYR D 94 -12.12 7.66 16.72
CA TYR D 94 -11.43 8.66 15.90
C TYR D 94 -10.45 8.11 14.85
N GLN D 95 -10.75 8.39 13.58
CA GLN D 95 -9.94 7.97 12.44
C GLN D 95 -10.52 6.73 11.78
N CYS D 96 -10.94 5.79 12.62
CA CYS D 96 -11.50 4.51 12.19
C CYS D 96 -12.49 4.53 10.99
N ALA D 97 -12.31 3.60 10.06
CA ALA D 97 -13.16 3.47 8.89
C ALA D 97 -13.22 2.07 8.30
N GLY D 98 -14.41 1.69 7.85
CA GLY D 98 -14.61 0.39 7.25
C GLY D 98 -16.00 -0.15 7.55
N GLY D 99 -16.53 0.26 8.69
CA GLY D 99 -17.84 -0.23 9.03
C GLY D 99 -18.88 0.74 8.55
N THR D 100 -20.12 0.58 9.04
CA THR D 100 -21.19 1.49 8.69
C THR D 100 -20.62 2.87 8.96
N PRO D 101 -20.55 3.74 7.94
CA PRO D 101 -20.02 5.10 8.06
C PRO D 101 -20.32 5.82 9.39
N ASN D 102 -19.28 6.49 9.87
CA ASN D 102 -19.35 7.25 11.11
C ASN D 102 -19.83 6.46 12.30
N LYS D 103 -20.42 5.30 12.08
CA LYS D 103 -20.89 4.49 13.20
C LYS D 103 -19.99 3.27 13.44
N THR D 104 -18.69 3.43 13.20
CA THR D 104 -17.81 2.30 13.40
C THR D 104 -16.54 2.49 14.24
N ALA D 105 -16.24 1.46 15.03
CA ALA D 105 -15.07 1.46 15.90
C ALA D 105 -14.04 0.38 15.53
N CYS D 106 -12.78 0.70 15.83
CA CYS D 106 -11.66 -0.18 15.52
C CYS D 106 -10.96 -0.78 16.75
N MET D 107 -10.41 -1.99 16.59
CA MET D 107 -9.68 -2.72 17.63
C MET D 107 -8.40 -3.34 17.02
N TYR D 108 -7.57 -3.99 17.82
CA TYR D 108 -6.33 -4.61 17.32
C TYR D 108 -6.06 -5.98 17.99
N GLY D 109 -6.49 -7.05 17.33
CA GLY D 109 -6.27 -8.38 17.89
C GLY D 109 -7.35 -8.84 18.86
N GLY D 110 -6.93 -9.10 20.09
CA GLY D 110 -7.88 -9.54 21.11
C GLY D 110 -8.84 -10.62 20.66
N VAL D 111 -8.45 -11.44 19.70
CA VAL D 111 -9.34 -12.49 19.25
C VAL D 111 -8.79 -13.90 19.43
N THR D 112 -9.53 -14.74 20.16
CA THR D 112 -9.15 -16.13 20.38
C THR D 112 -10.17 -17.04 19.74
N LEU D 113 -9.84 -18.33 19.67
CA LEU D 113 -10.75 -19.32 19.08
C LEU D 113 -11.75 -19.70 20.15
N HIS D 114 -12.96 -20.07 19.76
CA HIS D 114 -13.96 -20.42 20.76
C HIS D 114 -13.88 -21.88 21.15
N ASP D 115 -14.26 -22.73 20.19
CA ASP D 115 -14.28 -24.17 20.40
C ASP D 115 -13.15 -24.58 21.34
N ASN D 116 -13.47 -25.48 22.26
CA ASN D 116 -12.51 -26.00 23.25
C ASN D 116 -11.56 -24.99 23.90
N ASN D 117 -12.04 -23.79 24.22
CA ASN D 117 -11.16 -22.82 24.86
C ASN D 117 -11.61 -22.46 26.27
N ARG D 118 -12.79 -22.91 26.67
CA ARG D 118 -13.29 -22.63 28.01
C ARG D 118 -12.55 -23.49 29.03
N LEU D 119 -12.29 -22.93 30.21
CA LEU D 119 -11.61 -23.68 31.26
C LEU D 119 -12.64 -24.30 32.20
N THR D 120 -12.24 -25.40 32.86
CA THR D 120 -13.08 -26.12 33.81
C THR D 120 -13.47 -25.19 34.94
N GLU D 121 -12.57 -24.26 35.26
CA GLU D 121 -12.80 -23.27 36.31
C GLU D 121 -12.06 -21.98 36.01
N GLU D 122 -12.71 -20.87 36.35
CA GLU D 122 -12.16 -19.55 36.14
C GLU D 122 -10.74 -19.51 36.68
N LYS D 123 -9.83 -19.00 35.85
CA LYS D 123 -8.42 -18.90 36.19
C LYS D 123 -8.07 -17.54 36.75
N LYS D 124 -7.59 -17.52 37.99
CA LYS D 124 -7.16 -16.30 38.63
C LYS D 124 -5.65 -16.20 38.34
N VAL D 125 -5.26 -15.16 37.61
CA VAL D 125 -3.86 -14.95 37.23
C VAL D 125 -3.04 -14.23 38.32
N PRO D 126 -2.08 -14.96 38.90
CA PRO D 126 -1.20 -14.45 39.96
C PRO D 126 -0.27 -13.31 39.53
N ILE D 127 -0.44 -12.14 40.16
CA ILE D 127 0.39 -10.98 39.85
C ILE D 127 1.41 -10.63 40.92
N ASN D 128 2.65 -10.45 40.51
CA ASN D 128 3.72 -10.06 41.43
C ASN D 128 4.06 -8.63 41.04
N LEU D 129 3.93 -7.71 41.99
CA LEU D 129 4.22 -6.32 41.73
C LEU D 129 5.40 -5.86 42.55
N TRP D 130 5.98 -4.73 42.14
CA TRP D 130 7.13 -4.14 42.79
C TRP D 130 7.04 -2.61 42.73
N LEU D 131 7.04 -1.96 43.88
CA LEU D 131 6.99 -0.51 43.93
C LEU D 131 8.32 -0.02 44.50
N ASP D 132 9.34 -0.02 43.63
CA ASP D 132 10.70 0.38 43.98
C ASP D 132 11.38 -0.84 44.59
N GLY D 133 11.26 -1.97 43.91
CA GLY D 133 11.87 -3.18 44.42
C GLY D 133 11.10 -3.76 45.59
N LYS D 134 10.40 -2.89 46.33
CA LYS D 134 9.62 -3.35 47.48
C LYS D 134 8.30 -4.00 47.11
N GLN D 135 8.36 -5.32 46.96
CA GLN D 135 7.19 -6.12 46.63
C GLN D 135 5.98 -5.63 47.43
N ASN D 136 4.80 -5.77 46.86
CA ASN D 136 3.55 -5.38 47.49
C ASN D 136 2.56 -6.52 47.25
N THR D 137 1.54 -6.61 48.09
CA THR D 137 0.54 -7.67 47.96
C THR D 137 -0.70 -7.28 47.16
N VAL D 138 -0.75 -7.76 45.92
CA VAL D 138 -1.86 -7.52 44.99
C VAL D 138 -2.74 -8.77 44.91
N PRO D 139 -4.03 -8.66 45.30
CA PRO D 139 -5.05 -9.72 45.32
C PRO D 139 -5.14 -10.62 44.10
N LEU D 140 -5.52 -11.88 44.34
CA LEU D 140 -5.65 -12.89 43.28
C LEU D 140 -6.74 -12.64 42.25
N GLU D 141 -7.83 -12.00 42.69
CA GLU D 141 -8.93 -11.73 41.79
C GLU D 141 -8.55 -10.72 40.72
N THR D 142 -7.52 -9.91 40.99
CA THR D 142 -7.05 -8.88 40.06
C THR D 142 -7.13 -9.25 38.58
N VAL D 143 -6.48 -10.34 38.17
CA VAL D 143 -6.54 -10.76 36.77
C VAL D 143 -7.14 -12.14 36.57
N LYS D 144 -8.38 -12.17 36.11
CA LYS D 144 -9.12 -13.39 35.87
C LYS D 144 -9.22 -13.62 34.35
N THR D 145 -9.60 -14.84 33.97
CA THR D 145 -9.72 -15.22 32.57
C THR D 145 -10.28 -16.65 32.42
N ASN D 146 -11.31 -16.82 31.60
CA ASN D 146 -11.85 -18.16 31.43
C ASN D 146 -11.27 -18.94 30.25
N LYS D 147 -10.55 -18.25 29.37
CA LYS D 147 -9.96 -18.95 28.23
C LYS D 147 -8.70 -19.69 28.65
N LYS D 148 -8.34 -20.72 27.88
CA LYS D 148 -7.15 -21.52 28.13
C LYS D 148 -6.03 -20.70 27.48
N ASN D 149 -6.16 -20.50 26.16
CA ASN D 149 -5.22 -19.68 25.42
C ASN D 149 -5.82 -18.30 25.53
N VAL D 150 -5.36 -17.52 26.50
CA VAL D 150 -5.89 -16.18 26.65
C VAL D 150 -5.01 -15.32 25.79
N THR D 151 -5.53 -14.17 25.36
CA THR D 151 -4.74 -13.26 24.56
C THR D 151 -3.97 -12.34 25.50
N VAL D 152 -2.74 -12.03 25.14
CA VAL D 152 -1.96 -11.16 26.00
C VAL D 152 -2.75 -9.89 26.31
N GLN D 153 -3.57 -9.45 25.35
CA GLN D 153 -4.34 -8.23 25.51
C GLN D 153 -5.34 -8.25 26.68
N GLU D 154 -6.12 -9.34 26.75
CA GLU D 154 -7.15 -9.55 27.77
C GLU D 154 -6.65 -9.50 29.20
N LEU D 155 -5.41 -9.90 29.38
CA LEU D 155 -4.83 -9.89 30.73
C LEU D 155 -4.38 -8.48 31.00
N ASP D 156 -3.60 -7.94 30.08
CA ASP D 156 -3.08 -6.61 30.23
C ASP D 156 -4.16 -5.54 30.45
N LEU D 157 -5.17 -5.49 29.59
CA LEU D 157 -6.21 -4.49 29.80
C LEU D 157 -6.67 -4.45 31.25
N GLN D 158 -6.56 -5.59 31.92
CA GLN D 158 -6.97 -5.71 33.31
C GLN D 158 -5.91 -5.17 34.26
N ALA D 159 -4.72 -5.76 34.24
CA ALA D 159 -3.66 -5.28 35.13
C ALA D 159 -3.51 -3.77 34.97
N ARG D 160 -3.57 -3.29 33.74
CA ARG D 160 -3.45 -1.85 33.49
C ARG D 160 -4.57 -1.04 34.15
N ARG D 161 -5.61 -1.72 34.61
CA ARG D 161 -6.72 -1.03 35.28
C ARG D 161 -6.46 -1.02 36.78
N TYR D 162 -5.64 -1.95 37.23
CA TYR D 162 -5.27 -2.03 38.63
C TYR D 162 -4.23 -0.93 38.92
N LEU D 163 -3.19 -0.90 38.12
CA LEU D 163 -2.14 0.08 38.32
C LEU D 163 -2.64 1.51 38.36
N GLN D 164 -3.84 1.75 37.81
CA GLN D 164 -4.46 3.08 37.79
C GLN D 164 -5.20 3.27 39.11
N GLU D 165 -6.06 2.31 39.42
CA GLU D 165 -6.83 2.31 40.65
C GLU D 165 -5.94 2.36 41.89
N LYS D 166 -4.85 1.59 41.86
CA LYS D 166 -3.94 1.52 43.00
C LYS D 166 -2.81 2.56 42.98
N TYR D 167 -2.15 2.73 41.83
CA TYR D 167 -1.03 3.67 41.71
C TYR D 167 -1.17 4.87 40.77
N ASN D 168 -2.39 5.22 40.34
CA ASN D 168 -2.59 6.35 39.43
C ASN D 168 -1.46 6.33 38.39
N LEU D 169 -1.36 5.23 37.64
CA LEU D 169 -0.30 5.05 36.66
C LEU D 169 -0.25 6.08 35.56
N TYR D 170 -1.42 6.43 35.03
CA TYR D 170 -1.44 7.37 33.93
C TYR D 170 -1.84 8.80 34.24
N ASN D 171 -2.09 9.10 35.51
CA ASN D 171 -2.45 10.45 35.94
C ASN D 171 -1.20 11.31 35.93
N SER D 172 -1.33 12.55 35.47
CA SER D 172 -0.19 13.44 35.42
C SER D 172 0.54 13.49 36.77
N ASP D 173 1.74 14.06 36.77
CA ASP D 173 2.55 14.22 37.98
C ASP D 173 1.82 15.11 38.97
N VAL D 174 1.10 16.09 38.43
CA VAL D 174 0.33 17.02 39.23
C VAL D 174 -0.73 16.22 40.00
N PHE D 175 -1.66 15.65 39.24
CA PHE D 175 -2.74 14.84 39.80
C PHE D 175 -2.12 13.57 40.39
N ASP D 176 -1.00 13.78 41.07
CA ASP D 176 -0.19 12.75 41.71
C ASP D 176 -0.15 11.41 41.02
N GLY D 177 0.95 11.19 40.31
CA GLY D 177 1.19 9.97 39.58
C GLY D 177 2.65 9.57 39.69
N LYS D 178 3.15 9.56 40.92
CA LYS D 178 4.54 9.24 41.24
C LYS D 178 5.30 8.33 40.26
N VAL D 179 4.71 7.21 39.87
CA VAL D 179 5.38 6.29 38.95
C VAL D 179 5.82 7.02 37.67
N GLN D 180 7.13 7.05 37.43
CA GLN D 180 7.67 7.69 36.23
C GLN D 180 7.89 6.64 35.17
N ARG D 181 8.06 5.38 35.60
CA ARG D 181 8.28 4.25 34.69
C ARG D 181 7.61 2.98 35.24
N GLY D 182 7.65 1.91 34.46
CA GLY D 182 7.06 0.65 34.87
C GLY D 182 7.05 -0.37 33.74
N LEU D 183 7.26 -1.64 34.04
CA LEU D 183 7.25 -2.67 33.00
C LEU D 183 6.19 -3.72 33.36
N ILE D 184 5.95 -4.66 32.47
CA ILE D 184 5.00 -5.73 32.72
C ILE D 184 5.31 -6.98 31.89
N VAL D 185 5.60 -8.05 32.62
CA VAL D 185 5.95 -9.34 32.03
C VAL D 185 4.80 -10.30 32.21
N PHE D 186 4.38 -10.96 31.14
CA PHE D 186 3.33 -11.96 31.25
C PHE D 186 4.14 -13.25 31.27
N HIS D 187 4.21 -13.85 32.46
CA HIS D 187 5.02 -15.04 32.68
C HIS D 187 4.44 -16.42 32.39
N THR D 188 4.91 -17.00 31.29
CA THR D 188 4.50 -18.34 30.89
C THR D 188 5.77 -19.20 30.99
N SER D 189 5.58 -20.48 31.29
CA SER D 189 6.69 -21.41 31.47
C SER D 189 7.23 -22.08 30.21
N THR D 190 6.33 -22.72 29.47
CA THR D 190 6.68 -23.44 28.26
C THR D 190 6.78 -22.61 26.97
N GLU D 191 6.69 -21.29 27.10
CA GLU D 191 6.77 -20.40 25.93
C GLU D 191 7.55 -19.13 26.29
N PRO D 192 7.90 -18.32 25.28
CA PRO D 192 8.65 -17.06 25.51
C PRO D 192 7.78 -16.08 26.28
N SER D 193 8.39 -15.29 27.17
CA SER D 193 7.61 -14.33 27.95
C SER D 193 7.36 -13.02 27.20
N VAL D 194 6.22 -12.40 27.47
CA VAL D 194 5.80 -11.16 26.82
C VAL D 194 6.12 -9.92 27.68
N ASN D 195 6.98 -9.06 27.11
CA ASN D 195 7.43 -7.82 27.75
C ASN D 195 6.80 -6.56 27.17
N TYR D 196 6.19 -5.74 28.05
CA TYR D 196 5.52 -4.49 27.63
C TYR D 196 5.89 -3.24 28.43
N ASP D 197 6.77 -2.40 27.87
CA ASP D 197 7.15 -1.16 28.55
C ASP D 197 5.84 -0.43 28.86
N LEU D 198 5.66 0.04 30.08
CA LEU D 198 4.42 0.72 30.45
C LEU D 198 4.22 2.15 29.92
N PHE D 199 5.29 2.74 29.39
CA PHE D 199 5.24 4.10 28.84
C PHE D 199 5.92 4.12 27.47
N GLY D 200 6.19 2.93 26.95
CA GLY D 200 6.81 2.83 25.65
C GLY D 200 5.73 2.76 24.58
N ALA D 201 4.62 3.44 24.84
CA ALA D 201 3.52 3.46 23.88
C ALA D 201 3.82 4.58 22.88
N GLN D 202 3.69 4.27 21.59
CA GLN D 202 3.95 5.26 20.55
C GLN D 202 2.67 6.00 20.15
N GLY D 203 2.82 7.23 19.67
CA GLY D 203 1.68 8.01 19.24
C GLY D 203 0.94 8.78 20.32
N GLN D 204 -0.09 9.53 19.92
CA GLN D 204 -0.89 10.33 20.85
C GLN D 204 -2.34 9.87 20.93
N TYR D 205 -2.82 9.18 19.91
CA TYR D 205 -4.20 8.71 19.85
C TYR D 205 -4.32 7.19 20.00
N SER D 206 -5.54 6.72 20.20
CA SER D 206 -5.82 5.29 20.38
C SER D 206 -5.38 4.44 19.20
N ASN D 207 -5.45 5.01 18.01
CA ASN D 207 -5.08 4.30 16.79
C ASN D 207 -3.66 3.72 16.81
N THR D 208 -2.75 4.35 17.55
CA THR D 208 -1.35 3.87 17.66
C THR D 208 -1.16 3.25 19.03
N LEU D 209 -1.83 3.84 20.02
CA LEU D 209 -1.79 3.41 21.40
C LEU D 209 -2.26 1.98 21.54
N LEU D 210 -2.98 1.49 20.53
CA LEU D 210 -3.47 0.13 20.57
C LEU D 210 -2.71 -0.83 19.65
N ARG D 211 -1.84 -0.28 18.80
CA ARG D 211 -1.07 -1.12 17.89
C ARG D 211 -0.37 -2.28 18.60
N ILE D 212 0.08 -2.04 19.83
CA ILE D 212 0.79 -3.07 20.56
C ILE D 212 0.09 -4.42 20.47
N TYR D 213 -1.23 -4.38 20.41
CA TYR D 213 -2.05 -5.60 20.35
C TYR D 213 -2.34 -6.11 18.94
N ARG D 214 -1.68 -5.54 17.92
CA ARG D 214 -1.93 -5.92 16.53
C ARG D 214 -1.45 -7.29 16.08
N ASP D 215 -0.44 -7.83 16.76
CA ASP D 215 0.08 -9.14 16.42
C ASP D 215 -0.89 -10.15 17.00
N ASN D 216 -1.76 -9.67 17.88
CA ASN D 216 -2.77 -10.54 18.46
C ASN D 216 -2.06 -11.75 19.06
N LYS D 217 -1.31 -11.52 20.12
CA LYS D 217 -0.56 -12.58 20.79
C LYS D 217 -1.47 -13.36 21.75
N THR D 218 -1.36 -14.67 21.74
CA THR D 218 -2.19 -15.52 22.58
C THR D 218 -1.39 -16.56 23.35
N ILE D 219 -1.33 -16.43 24.67
CA ILE D 219 -0.57 -17.38 25.48
C ILE D 219 -1.45 -18.39 26.27
N ASN D 220 -0.81 -19.46 26.77
CA ASN D 220 -1.48 -20.51 27.54
C ASN D 220 -1.71 -19.99 28.96
N SER D 221 -2.97 -19.98 29.38
CA SER D 221 -3.34 -19.46 30.70
C SER D 221 -2.75 -20.10 31.98
N GLU D 222 -2.95 -21.40 32.15
CA GLU D 222 -2.48 -22.11 33.35
C GLU D 222 -0.98 -22.21 33.57
N ASN D 223 -0.63 -22.37 34.85
CA ASN D 223 0.74 -22.47 35.32
C ASN D 223 1.37 -21.08 35.28
N MET D 224 0.76 -20.18 34.50
CA MET D 224 1.26 -18.82 34.32
C MET D 224 1.09 -17.85 35.49
N HIS D 225 1.62 -16.64 35.30
CA HIS D 225 1.57 -15.57 36.31
C HIS D 225 2.03 -14.22 35.71
N ILE D 226 1.73 -13.12 36.41
CA ILE D 226 2.14 -11.79 35.94
C ILE D 226 3.24 -11.22 36.83
N ALA D 227 3.94 -10.25 36.29
CA ALA D 227 5.03 -9.59 37.00
C ALA D 227 5.03 -8.11 36.64
N ILE D 228 5.07 -7.28 37.66
CA ILE D 228 5.06 -5.85 37.45
C ILE D 228 6.13 -5.15 38.28
N TYR D 229 6.83 -4.24 37.62
CA TYR D 229 7.89 -3.47 38.23
C TYR D 229 7.62 -2.03 37.85
N LEU D 230 7.45 -1.17 38.84
CA LEU D 230 7.23 0.23 38.58
C LEU D 230 8.38 0.98 39.20
N TYR D 231 8.65 2.17 38.68
CA TYR D 231 9.75 2.97 39.19
C TYR D 231 9.34 4.43 39.31
N THR D 232 9.69 5.04 40.43
CA THR D 232 9.37 6.44 40.65
C THR D 232 10.54 7.28 40.17
N SER D 233 11.61 6.60 39.80
CA SER D 233 12.80 7.29 39.30
C SER D 233 12.71 7.39 37.79
#